data_4LQF
#
_entry.id   4LQF
#
_cell.length_a   71.280
_cell.length_b   73.180
_cell.length_c   221.600
_cell.angle_alpha   90.00
_cell.angle_beta   90.00
_cell.angle_gamma   90.00
#
_symmetry.space_group_name_H-M   'C 2 2 21'
#
loop_
_entity.id
_entity.type
_entity.pdbx_description
1 polymer A33R
2 polymer 'Murine IgG2b A2C7 Heavy chain Fab domain'
3 polymer 'Murine IgG2b A2C7 Light chain Fab domain'
4 non-polymer 'ZINC ION'
5 water water
#
loop_
_entity_poly.entity_id
_entity_poly.type
_entity_poly.pdbx_seq_one_letter_code
_entity_poly.pdbx_strand_id
1 'polypeptide(L)'
;MSTTQYDHKESCNGLYYQGSCYILHSDYQMFSDAAANCTAESSTLPNKSDVMITWLIDYVEDTWGSDGNPITKTTSDYQD
SDVSQEVRKYFCVKTMN
;
A
2 'polypeptide(L)'
;EVKLVESGGGLVQPGGSLTLSCATSGFTFSDYYIYWVRQTPEKRLEWVAYISNSGGNTYYSDAVKGRFTISRDNAKNTLF
LQMSRLKSEDTAVYYCARQWGGAMDYWGQGTSVTVSSAKTTPPSVYPLAPGCGDTTGSSVTLGCLVKGYFPESVTVTWNS
GSLSSSVHTFPALLQSGLYTMSSSVTVPSSTWPSQTVTCSVAHPASSTTVDKKLEP
;
H
3 'polypeptide(L)'
;DVVMTQTPLSLPVSLGDQASISCRSSQSLIHTNGNTYLHWYLQKPGQSPKLLIYKVSNRFSGVPDRFSGSGSGTDFTLKI
SRVEAEDLGVYFCSQSTHIPPWTFGGGTKLEIKRADAAPTVSIFPTISEQLTSGGASVVCFLNNFYPKDINVKWKIDGSE
RQNGVLNSWTDQDSKDSTYSMSSTLTLTKDEYERHNSYTCEATHKTSTSPIVKSFNRNE
;
L
#
# COMPACT_ATOMS: atom_id res chain seq x y z
N SER A 11 -16.18 -45.36 -30.42
CA SER A 11 -15.06 -45.19 -29.45
C SER A 11 -15.01 -43.78 -28.82
N CYS A 12 -15.94 -42.91 -29.23
CA CYS A 12 -16.05 -41.58 -28.65
C CYS A 12 -16.82 -41.61 -27.32
N ASN A 13 -16.09 -41.57 -26.22
CA ASN A 13 -16.67 -41.54 -24.87
C ASN A 13 -17.21 -40.16 -24.53
N GLY A 14 -18.23 -39.74 -25.27
CA GLY A 14 -18.80 -38.41 -25.14
C GLY A 14 -19.79 -38.18 -26.26
N LEU A 15 -19.88 -36.94 -26.73
CA LEU A 15 -20.80 -36.61 -27.82
C LEU A 15 -20.08 -36.66 -29.16
N TYR A 16 -20.64 -37.43 -30.09
CA TYR A 16 -20.10 -37.52 -31.45
C TYR A 16 -20.93 -36.69 -32.43
N TYR A 17 -20.28 -35.72 -33.07
CA TYR A 17 -20.96 -34.90 -34.08
C TYR A 17 -20.05 -34.53 -35.26
N GLN A 18 -20.51 -34.90 -36.45
CA GLN A 18 -19.83 -34.55 -37.73
C GLN A 18 -18.32 -34.77 -37.72
N GLY A 19 -17.88 -35.93 -37.24
CA GLY A 19 -16.46 -36.28 -37.22
C GLY A 19 -15.68 -35.77 -36.01
N SER A 20 -16.34 -35.02 -35.14
CA SER A 20 -15.72 -34.53 -33.91
C SER A 20 -16.24 -35.27 -32.69
N CYS A 21 -15.41 -35.31 -31.64
CA CYS A 21 -15.77 -35.96 -30.39
C CYS A 21 -15.63 -34.97 -29.23
N TYR A 22 -16.74 -34.76 -28.53
CA TYR A 22 -16.82 -33.76 -27.46
C TYR A 22 -16.76 -34.46 -26.11
N ILE A 23 -15.64 -34.27 -25.41
CA ILE A 23 -15.43 -34.90 -24.10
C ILE A 23 -15.80 -33.95 -22.96
N LEU A 24 -16.77 -34.35 -22.15
CA LEU A 24 -17.20 -33.56 -21.00
C LEU A 24 -16.15 -33.54 -19.88
N HIS A 25 -15.77 -32.34 -19.48
CA HIS A 25 -14.95 -32.16 -18.30
C HIS A 25 -15.81 -31.49 -17.24
N SER A 26 -16.15 -32.25 -16.21
CA SER A 26 -17.06 -31.78 -15.18
C SER A 26 -16.36 -31.02 -14.03
N ASP A 27 -15.04 -30.86 -14.13
CA ASP A 27 -14.31 -29.97 -13.22
C ASP A 27 -14.53 -28.52 -13.64
N TYR A 28 -15.17 -27.75 -12.78
CA TYR A 28 -15.36 -26.32 -13.02
C TYR A 28 -13.99 -25.64 -13.11
N GLN A 29 -13.77 -24.88 -14.18
CA GLN A 29 -12.52 -24.14 -14.35
C GLN A 29 -12.75 -22.76 -14.93
N MET A 30 -11.84 -21.84 -14.61
CA MET A 30 -11.76 -20.54 -15.28
C MET A 30 -11.43 -20.77 -16.75
N PHE A 31 -11.69 -19.77 -17.59
CA PHE A 31 -11.56 -19.95 -19.03
C PHE A 31 -10.17 -20.39 -19.49
N SER A 32 -9.14 -19.67 -19.05
CA SER A 32 -7.75 -19.96 -19.45
C SER A 32 -7.32 -21.38 -19.11
N ASP A 33 -7.65 -21.82 -17.90
CA ASP A 33 -7.30 -23.16 -17.45
C ASP A 33 -8.02 -24.25 -18.26
N ALA A 34 -9.27 -23.99 -18.62
CA ALA A 34 -10.04 -24.92 -19.44
C ALA A 34 -9.48 -25.00 -20.87
N ALA A 35 -9.22 -23.84 -21.46
CA ALA A 35 -8.65 -23.74 -22.81
C ALA A 35 -7.28 -24.38 -22.92
N ALA A 36 -6.45 -24.16 -21.90
CA ALA A 36 -5.13 -24.79 -21.84
C ALA A 36 -5.25 -26.30 -21.61
N ASN A 37 -6.27 -26.73 -20.87
CA ASN A 37 -6.51 -28.16 -20.64
C ASN A 37 -6.82 -28.92 -21.91
N CYS A 38 -7.69 -28.35 -22.74
CA CYS A 38 -8.01 -28.95 -24.03
C CYS A 38 -6.80 -28.92 -24.97
N THR A 39 -6.14 -27.77 -25.07
CA THR A 39 -4.94 -27.61 -25.91
C THR A 39 -3.90 -28.71 -25.64
N ALA A 40 -3.68 -29.01 -24.37
CA ALA A 40 -2.72 -30.05 -23.99
C ALA A 40 -3.19 -31.45 -24.39
N GLU A 41 -4.52 -31.63 -24.47
CA GLU A 41 -5.11 -32.90 -24.89
C GLU A 41 -5.35 -32.96 -26.40
N SER A 42 -4.57 -32.18 -27.15
CA SER A 42 -4.71 -32.03 -28.62
C SER A 42 -6.14 -31.66 -29.04
N SER A 43 -6.77 -30.78 -28.26
CA SER A 43 -8.18 -30.48 -28.43
C SER A 43 -8.46 -28.99 -28.36
N THR A 44 -9.65 -28.61 -28.84
CA THR A 44 -10.13 -27.24 -28.71
C THR A 44 -11.41 -27.20 -27.88
N LEU A 45 -11.78 -26.01 -27.43
CA LEU A 45 -13.11 -25.81 -26.87
C LEU A 45 -14.14 -25.77 -28.00
N PRO A 46 -15.44 -25.98 -27.69
CA PRO A 46 -16.45 -25.94 -28.76
C PRO A 46 -16.57 -24.57 -29.42
N ASN A 47 -16.86 -24.58 -30.72
CA ASN A 47 -17.14 -23.38 -31.49
C ASN A 47 -18.62 -23.03 -31.39
N LYS A 48 -18.91 -21.87 -30.82
CA LYS A 48 -20.28 -21.43 -30.54
C LYS A 48 -21.22 -21.60 -31.74
N SER A 49 -20.85 -21.06 -32.89
CA SER A 49 -21.70 -21.10 -34.08
C SER A 49 -21.89 -22.49 -34.68
N ASP A 50 -20.94 -23.39 -34.43
CA ASP A 50 -21.06 -24.79 -34.86
C ASP A 50 -22.14 -25.55 -34.07
N VAL A 51 -22.13 -25.38 -32.75
CA VAL A 51 -22.93 -26.19 -31.86
C VAL A 51 -24.32 -25.59 -31.53
N MET A 52 -24.48 -24.30 -31.81
CA MET A 52 -25.66 -23.54 -31.37
C MET A 52 -26.98 -24.04 -31.97
N ILE A 53 -26.95 -24.48 -33.22
CA ILE A 53 -28.17 -24.93 -33.89
C ILE A 53 -28.16 -26.45 -34.06
N THR A 54 -27.62 -27.15 -33.07
CA THR A 54 -27.58 -28.61 -33.08
C THR A 54 -28.11 -29.16 -31.76
N TRP A 55 -28.24 -30.48 -31.68
CA TRP A 55 -28.67 -31.16 -30.45
C TRP A 55 -27.64 -31.03 -29.34
N LEU A 56 -26.40 -30.70 -29.72
CA LEU A 56 -25.31 -30.52 -28.77
C LEU A 56 -25.56 -29.35 -27.80
N ILE A 57 -26.38 -28.39 -28.23
CA ILE A 57 -26.62 -27.15 -27.45
C ILE A 57 -27.15 -27.42 -26.04
N ASP A 58 -27.98 -28.46 -25.91
CA ASP A 58 -28.54 -28.87 -24.63
C ASP A 58 -27.48 -29.41 -23.68
N TYR A 59 -26.41 -29.98 -24.24
CA TYR A 59 -25.28 -30.46 -23.45
C TYR A 59 -24.27 -29.35 -23.18
N VAL A 60 -23.97 -28.54 -24.20
CA VAL A 60 -22.87 -27.56 -24.10
C VAL A 60 -23.26 -26.21 -23.51
N GLU A 61 -24.55 -25.97 -23.33
CA GLU A 61 -25.02 -24.69 -22.81
C GLU A 61 -24.34 -24.35 -21.49
N ASP A 62 -23.85 -23.12 -21.41
CA ASP A 62 -23.23 -22.57 -20.21
C ASP A 62 -21.91 -23.28 -19.85
N THR A 63 -21.29 -23.90 -20.85
CA THR A 63 -19.91 -24.37 -20.72
C THR A 63 -19.04 -23.49 -21.63
N TRP A 64 -17.72 -23.53 -21.43
CA TRP A 64 -16.79 -22.65 -22.14
C TRP A 64 -16.75 -22.84 -23.66
N GLY A 65 -16.96 -21.75 -24.39
CA GLY A 65 -16.75 -21.72 -25.83
C GLY A 65 -15.35 -21.23 -26.18
N SER A 66 -14.96 -21.40 -27.43
CA SER A 66 -13.62 -21.01 -27.91
C SER A 66 -13.43 -19.50 -28.02
N ASP A 67 -14.53 -18.75 -27.92
CA ASP A 67 -14.52 -17.29 -27.96
C ASP A 67 -14.33 -16.67 -26.57
N GLY A 68 -14.29 -17.51 -25.54
CA GLY A 68 -14.01 -17.07 -24.17
C GLY A 68 -15.21 -16.87 -23.28
N ASN A 69 -16.40 -17.15 -23.81
CA ASN A 69 -17.65 -16.99 -23.07
C ASN A 69 -18.37 -18.32 -22.89
N PRO A 70 -19.27 -18.42 -21.89
CA PRO A 70 -20.13 -19.60 -21.81
C PRO A 70 -21.04 -19.64 -23.04
N ILE A 71 -21.32 -20.84 -23.54
CA ILE A 71 -22.21 -21.01 -24.69
C ILE A 71 -23.64 -20.71 -24.21
N THR A 72 -24.31 -19.80 -24.90
CA THR A 72 -25.65 -19.34 -24.51
C THR A 72 -26.74 -19.90 -25.41
N SER A 81 -23.91 -9.33 -18.58
CA SER A 81 -22.96 -9.09 -17.49
C SER A 81 -21.67 -9.89 -17.67
N ASP A 82 -20.56 -9.29 -17.24
CA ASP A 82 -19.24 -9.89 -17.42
C ASP A 82 -19.03 -11.13 -16.55
N VAL A 83 -18.33 -12.11 -17.10
CA VAL A 83 -18.23 -13.43 -16.50
C VAL A 83 -16.83 -14.06 -16.69
N SER A 84 -15.85 -13.24 -17.09
CA SER A 84 -14.47 -13.70 -17.34
C SER A 84 -13.74 -14.17 -16.07
N GLN A 85 -14.28 -13.82 -14.90
CA GLN A 85 -13.65 -14.19 -13.63
C GLN A 85 -14.35 -15.39 -12.96
N GLU A 86 -15.33 -15.97 -13.64
CA GLU A 86 -16.09 -17.08 -13.08
C GLU A 86 -15.61 -18.44 -13.59
N VAL A 87 -16.10 -19.51 -12.96
CA VAL A 87 -15.80 -20.87 -13.40
C VAL A 87 -17.00 -21.53 -14.07
N ARG A 88 -16.71 -22.28 -15.14
CA ARG A 88 -17.69 -23.08 -15.86
C ARG A 88 -17.07 -24.44 -16.15
N LYS A 89 -17.93 -25.44 -16.38
CA LYS A 89 -17.51 -26.73 -16.95
C LYS A 89 -17.21 -26.53 -18.44
N TYR A 90 -16.69 -27.56 -19.10
CA TYR A 90 -16.21 -27.43 -20.48
C TYR A 90 -16.09 -28.77 -21.18
N PHE A 91 -16.23 -28.73 -22.50
CA PHE A 91 -16.00 -29.88 -23.37
C PHE A 91 -14.71 -29.68 -24.15
N CYS A 92 -13.91 -30.74 -24.27
CA CYS A 92 -12.76 -30.73 -25.17
C CYS A 92 -13.15 -31.44 -26.47
N VAL A 93 -12.98 -30.73 -27.58
CA VAL A 93 -13.39 -31.22 -28.90
C VAL A 93 -12.17 -31.68 -29.69
N LYS A 94 -12.26 -32.88 -30.25
CA LYS A 94 -11.17 -33.49 -31.01
C LYS A 94 -11.75 -34.22 -32.21
N THR A 95 -11.18 -33.98 -33.39
CA THR A 95 -11.63 -34.68 -34.61
C THR A 95 -11.17 -36.13 -34.62
N MET A 96 -11.97 -36.98 -35.27
CA MET A 96 -11.70 -38.41 -35.36
C MET A 96 -10.88 -38.73 -36.61
N VAL B 2 -24.15 -1.85 -0.27
CA VAL B 2 -23.10 -2.91 -0.29
C VAL B 2 -22.02 -2.62 0.76
N LYS B 3 -21.82 -3.58 1.67
CA LYS B 3 -20.81 -3.45 2.72
C LYS B 3 -20.03 -4.74 2.93
N LEU B 4 -18.73 -4.60 3.19
CA LEU B 4 -17.88 -5.73 3.58
C LEU B 4 -17.03 -5.30 4.77
N VAL B 5 -17.03 -6.10 5.82
CA VAL B 5 -16.35 -5.76 7.06
C VAL B 5 -15.40 -6.89 7.47
N GLU B 6 -14.11 -6.57 7.47
CA GLU B 6 -13.08 -7.50 7.93
C GLU B 6 -12.94 -7.43 9.44
N SER B 7 -12.47 -8.52 10.05
CA SER B 7 -12.13 -8.55 11.47
C SER B 7 -11.14 -9.69 11.73
N GLY B 8 -10.61 -9.73 12.95
CA GLY B 8 -9.69 -10.81 13.34
C GLY B 8 -8.22 -10.47 13.25
N GLY B 9 -7.91 -9.34 12.62
CA GLY B 9 -6.53 -8.85 12.55
C GLY B 9 -5.93 -8.59 13.92
N GLY B 10 -4.65 -8.89 14.06
CA GLY B 10 -3.95 -8.72 15.33
C GLY B 10 -2.46 -9.01 15.25
N LEU B 11 -1.81 -8.99 16.41
CA LEU B 11 -0.38 -9.28 16.49
C LEU B 11 -0.16 -10.77 16.79
N VAL B 12 0.67 -11.41 15.98
CA VAL B 12 1.01 -12.83 16.17
C VAL B 12 2.51 -13.08 16.05
N GLN B 13 2.98 -14.15 16.68
CA GLN B 13 4.38 -14.55 16.59
C GLN B 13 4.63 -15.34 15.31
N PRO B 14 5.87 -15.34 14.79
CA PRO B 14 6.18 -16.17 13.62
C PRO B 14 5.86 -17.63 13.88
N GLY B 15 5.29 -18.30 12.88
CA GLY B 15 4.84 -19.69 13.03
C GLY B 15 3.45 -19.81 13.62
N GLY B 16 2.89 -18.67 14.05
CA GLY B 16 1.55 -18.65 14.63
C GLY B 16 0.44 -18.80 13.60
N SER B 17 -0.78 -18.88 14.11
CA SER B 17 -1.96 -19.03 13.25
C SER B 17 -3.00 -17.97 13.56
N LEU B 18 -3.84 -17.68 12.57
CA LEU B 18 -4.83 -16.62 12.68
C LEU B 18 -5.94 -16.79 11.63
N THR B 19 -7.17 -16.48 12.03
CA THR B 19 -8.31 -16.52 11.12
C THR B 19 -8.95 -15.15 11.01
N LEU B 20 -9.03 -14.66 9.76
CA LEU B 20 -9.69 -13.41 9.46
C LEU B 20 -11.08 -13.69 8.91
N SER B 21 -12.02 -12.79 9.22
CA SER B 21 -13.39 -12.90 8.75
C SER B 21 -13.75 -11.68 7.92
N CYS B 22 -14.75 -11.83 7.06
CA CYS B 22 -15.26 -10.75 6.23
C CYS B 22 -16.77 -10.86 6.11
N ALA B 23 -17.48 -10.17 7.01
CA ALA B 23 -18.94 -10.15 7.02
C ALA B 23 -19.44 -9.23 5.92
N THR B 24 -20.48 -9.68 5.21
CA THR B 24 -21.00 -8.90 4.07
C THR B 24 -22.46 -8.54 4.24
N SER B 25 -22.88 -7.50 3.51
CA SER B 25 -24.24 -6.97 3.58
C SER B 25 -24.63 -6.22 2.31
N GLY B 26 -25.91 -6.23 1.99
CA GLY B 26 -26.46 -5.39 0.91
C GLY B 26 -26.49 -6.00 -0.48
N PHE B 27 -26.11 -7.27 -0.58
CA PHE B 27 -26.16 -8.03 -1.83
C PHE B 27 -26.26 -9.51 -1.50
N THR B 28 -26.70 -10.31 -2.47
CA THR B 28 -26.80 -11.75 -2.27
C THR B 28 -25.40 -12.38 -2.36
N PHE B 29 -24.87 -12.72 -1.18
CA PHE B 29 -23.47 -13.14 -0.98
C PHE B 29 -23.04 -14.34 -1.83
N SER B 30 -23.92 -15.34 -1.92
CA SER B 30 -23.61 -16.59 -2.60
C SER B 30 -23.63 -16.47 -4.12
N ASP B 31 -23.98 -15.29 -4.62
CA ASP B 31 -23.97 -15.03 -6.05
C ASP B 31 -22.63 -14.45 -6.53
N TYR B 32 -21.73 -14.16 -5.59
CA TYR B 32 -20.52 -13.43 -5.92
C TYR B 32 -19.23 -14.16 -5.53
N TYR B 33 -18.26 -14.10 -6.44
CA TYR B 33 -16.89 -14.55 -6.21
C TYR B 33 -16.18 -13.45 -5.41
N ILE B 34 -15.27 -13.83 -4.53
CA ILE B 34 -14.60 -12.85 -3.65
C ILE B 34 -13.09 -13.09 -3.51
N TYR B 35 -12.34 -11.98 -3.44
CA TYR B 35 -10.89 -12.01 -3.26
C TYR B 35 -10.49 -11.59 -1.85
N TRP B 36 -9.34 -12.08 -1.40
CA TRP B 36 -8.55 -11.41 -0.36
C TRP B 36 -7.38 -10.73 -1.06
N VAL B 37 -7.15 -9.46 -0.73
CA VAL B 37 -6.01 -8.69 -1.24
C VAL B 37 -5.34 -8.00 -0.05
N ARG B 38 -4.02 -8.10 0.03
CA ARG B 38 -3.30 -7.48 1.14
C ARG B 38 -2.51 -6.23 0.73
N GLN B 39 -2.38 -5.28 1.65
CA GLN B 39 -1.53 -4.11 1.41
C GLN B 39 -0.33 -4.10 2.35
N THR B 40 0.85 -4.31 1.76
CA THR B 40 2.13 -4.42 2.48
C THR B 40 2.53 -3.12 3.19
N PRO B 41 3.55 -3.19 4.08
CA PRO B 41 4.13 -1.98 4.68
C PRO B 41 4.70 -1.01 3.64
N GLU B 42 5.13 -1.54 2.50
CA GLU B 42 5.57 -0.72 1.36
C GLU B 42 4.39 -0.06 0.64
N LYS B 43 3.18 -0.34 1.13
CA LYS B 43 1.92 0.21 0.60
C LYS B 43 1.55 -0.28 -0.80
N ARG B 44 2.09 -1.43 -1.16
CA ARG B 44 1.76 -2.07 -2.43
C ARG B 44 0.56 -2.98 -2.26
N LEU B 45 -0.19 -3.19 -3.34
CA LEU B 45 -1.30 -4.11 -3.35
C LEU B 45 -0.86 -5.48 -3.88
N GLU B 46 -1.19 -6.53 -3.13
CA GLU B 46 -0.81 -7.89 -3.49
C GLU B 46 -2.01 -8.82 -3.31
N TRP B 47 -2.45 -9.44 -4.41
CA TRP B 47 -3.52 -10.45 -4.36
C TRP B 47 -3.11 -11.67 -3.54
N VAL B 48 -4.04 -12.20 -2.77
CA VAL B 48 -3.75 -13.31 -1.84
C VAL B 48 -4.51 -14.59 -2.21
N ALA B 49 -5.83 -14.48 -2.37
CA ALA B 49 -6.67 -15.63 -2.61
C ALA B 49 -7.98 -15.24 -3.30
N TYR B 50 -8.68 -16.24 -3.81
CA TYR B 50 -9.89 -16.03 -4.59
C TYR B 50 -10.75 -17.27 -4.47
N ILE B 51 -12.05 -17.05 -4.25
CA ILE B 51 -13.00 -18.15 -4.06
C ILE B 51 -14.24 -17.98 -4.94
N SER B 52 -14.73 -19.09 -5.48
CA SER B 52 -15.98 -19.08 -6.26
C SER B 52 -17.21 -18.83 -5.38
N ASN B 53 -18.33 -18.51 -6.02
CA ASN B 53 -19.57 -18.24 -5.30
C ASN B 53 -20.01 -19.38 -4.40
N SER B 54 -19.89 -20.62 -4.90
CA SER B 54 -20.27 -21.81 -4.15
C SER B 54 -19.16 -22.26 -3.18
N GLY B 55 -17.92 -21.92 -3.51
CA GLY B 55 -16.78 -22.31 -2.69
C GLY B 55 -16.08 -23.55 -3.21
N GLY B 56 -16.53 -24.05 -4.37
CA GLY B 56 -15.97 -25.25 -4.97
C GLY B 56 -14.61 -25.03 -5.63
N ASN B 57 -14.29 -23.78 -5.92
CA ASN B 57 -13.01 -23.39 -6.51
C ASN B 57 -12.28 -22.34 -5.68
N THR B 58 -11.00 -22.60 -5.41
CA THR B 58 -10.14 -21.71 -4.65
C THR B 58 -8.83 -21.51 -5.41
N TYR B 59 -8.24 -20.31 -5.29
CA TYR B 59 -6.95 -20.01 -5.91
C TYR B 59 -6.09 -19.19 -4.96
N TYR B 60 -4.79 -19.48 -4.96
CA TYR B 60 -3.84 -18.82 -4.06
C TYR B 60 -2.63 -18.29 -4.80
N SER B 61 -2.11 -17.17 -4.32
CA SER B 61 -0.82 -16.67 -4.79
C SER B 61 0.25 -17.65 -4.32
N ASP B 62 1.36 -17.68 -5.05
CA ASP B 62 2.49 -18.55 -4.74
C ASP B 62 3.03 -18.40 -3.32
N ALA B 63 2.96 -17.19 -2.78
CA ALA B 63 3.57 -16.83 -1.49
C ALA B 63 2.80 -17.36 -0.28
N VAL B 64 1.52 -17.67 -0.46
CA VAL B 64 0.67 -18.16 0.63
C VAL B 64 0.15 -19.58 0.37
N LYS B 65 0.41 -20.09 -0.84
CA LYS B 65 0.08 -21.47 -1.26
C LYS B 65 0.47 -22.49 -0.21
N GLY B 66 -0.50 -23.24 0.30
CA GLY B 66 -0.22 -24.33 1.23
C GLY B 66 -0.18 -23.89 2.69
N ARG B 67 -0.26 -22.58 2.91
CA ARG B 67 -0.26 -22.00 4.26
C ARG B 67 -1.60 -21.38 4.60
N PHE B 68 -2.20 -20.69 3.63
CA PHE B 68 -3.48 -20.00 3.82
C PHE B 68 -4.60 -20.85 3.23
N THR B 69 -5.78 -20.73 3.83
CA THR B 69 -6.98 -21.41 3.33
C THR B 69 -8.12 -20.41 3.27
N ILE B 70 -8.63 -20.18 2.06
CA ILE B 70 -9.83 -19.35 1.86
C ILE B 70 -11.08 -20.23 1.82
N SER B 71 -12.06 -19.92 2.67
CA SER B 71 -13.32 -20.63 2.72
C SER B 71 -14.48 -19.66 2.91
N ARG B 72 -15.71 -20.15 2.78
CA ARG B 72 -16.89 -19.29 2.95
C ARG B 72 -18.07 -20.03 3.60
N ASP B 73 -18.93 -19.26 4.26
CA ASP B 73 -20.18 -19.77 4.82
C ASP B 73 -21.31 -18.94 4.23
N ASN B 74 -21.97 -19.48 3.21
CA ASN B 74 -22.99 -18.74 2.48
C ASN B 74 -24.27 -18.46 3.27
N ALA B 75 -24.50 -19.24 4.32
CA ALA B 75 -25.61 -19.00 5.23
C ALA B 75 -25.35 -17.78 6.11
N LYS B 76 -24.09 -17.55 6.46
CA LYS B 76 -23.72 -16.45 7.36
C LYS B 76 -23.23 -15.20 6.62
N ASN B 77 -23.20 -15.27 5.29
CA ASN B 77 -22.66 -14.19 4.44
C ASN B 77 -21.27 -13.73 4.89
N THR B 78 -20.43 -14.70 5.25
CA THR B 78 -19.10 -14.42 5.77
C THR B 78 -18.03 -15.20 5.01
N LEU B 79 -16.95 -14.50 4.70
CA LEU B 79 -15.80 -15.06 4.02
C LEU B 79 -14.70 -15.25 5.07
N PHE B 80 -13.87 -16.27 4.91
CA PHE B 80 -12.79 -16.53 5.87
C PHE B 80 -11.42 -16.62 5.20
N LEU B 81 -10.39 -16.29 5.99
CA LEU B 81 -9.01 -16.55 5.61
C LEU B 81 -8.25 -17.16 6.79
N GLN B 82 -8.08 -18.48 6.74
CA GLN B 82 -7.32 -19.22 7.76
C GLN B 82 -5.84 -19.09 7.42
N MET B 83 -5.09 -18.43 8.30
CA MET B 83 -3.65 -18.26 8.08
C MET B 83 -2.87 -19.11 9.08
N SER B 84 -1.99 -19.97 8.57
CA SER B 84 -1.07 -20.73 9.42
C SER B 84 0.36 -20.47 8.97
N ARG B 85 1.31 -20.88 9.81
CA ARG B 85 2.74 -20.70 9.55
C ARG B 85 3.06 -19.28 9.07
N LEU B 86 2.60 -18.29 9.83
CA LEU B 86 2.73 -16.89 9.47
C LEU B 86 4.17 -16.39 9.57
N LYS B 87 4.59 -15.67 8.52
CA LYS B 87 5.93 -15.10 8.44
C LYS B 87 5.80 -13.58 8.51
N SER B 88 6.91 -12.90 8.79
CA SER B 88 6.92 -11.42 8.83
C SER B 88 6.49 -10.82 7.50
N GLU B 89 6.73 -11.56 6.41
CA GLU B 89 6.34 -11.16 5.07
C GLU B 89 4.81 -11.06 4.92
N ASP B 90 4.06 -11.75 5.78
CA ASP B 90 2.60 -11.71 5.77
C ASP B 90 2.02 -10.48 6.48
N THR B 91 2.89 -9.61 7.01
CA THR B 91 2.45 -8.39 7.69
C THR B 91 1.82 -7.44 6.69
N ALA B 92 0.54 -7.15 6.87
CA ALA B 92 -0.22 -6.33 5.93
C ALA B 92 -1.57 -5.95 6.49
N VAL B 93 -2.21 -4.98 5.82
CA VAL B 93 -3.64 -4.76 5.97
C VAL B 93 -4.30 -5.71 4.98
N TYR B 94 -5.25 -6.51 5.46
CA TYR B 94 -5.93 -7.50 4.61
C TYR B 94 -7.32 -7.05 4.21
N TYR B 95 -7.54 -6.95 2.90
CA TYR B 95 -8.83 -6.55 2.33
C TYR B 95 -9.57 -7.71 1.70
N CYS B 96 -10.88 -7.79 1.96
CA CYS B 96 -11.76 -8.62 1.15
C CYS B 96 -12.41 -7.74 0.09
N ALA B 97 -12.54 -8.26 -1.11
CA ALA B 97 -13.03 -7.48 -2.25
C ALA B 97 -13.92 -8.32 -3.16
N ARG B 98 -15.12 -7.80 -3.43
CA ARG B 98 -16.08 -8.47 -4.29
C ARG B 98 -15.67 -8.33 -5.76
N GLN B 99 -15.87 -9.41 -6.52
CA GLN B 99 -15.64 -9.40 -7.98
C GLN B 99 -16.90 -8.96 -8.71
N TRP B 100 -16.72 -8.03 -9.64
CA TRP B 100 -17.76 -7.63 -10.59
C TRP B 100 -17.13 -7.00 -11.81
N GLY B 101 -17.66 -7.34 -12.99
CA GLY B 101 -17.25 -6.73 -14.25
C GLY B 101 -15.81 -7.00 -14.67
N GLY B 102 -15.21 -8.04 -14.08
CA GLY B 102 -13.81 -8.37 -14.31
C GLY B 102 -12.88 -7.72 -13.30
N ALA B 103 -13.44 -6.86 -12.45
CA ALA B 103 -12.67 -6.08 -11.48
C ALA B 103 -13.10 -6.35 -10.04
N MET B 104 -12.47 -5.65 -9.09
CA MET B 104 -12.84 -5.74 -7.68
C MET B 104 -13.62 -4.47 -7.32
N ASP B 105 -14.94 -4.58 -7.28
CA ASP B 105 -15.80 -3.39 -7.25
C ASP B 105 -16.06 -2.80 -5.86
N TYR B 106 -16.11 -3.64 -4.84
CA TYR B 106 -16.28 -3.16 -3.46
C TYR B 106 -15.34 -3.84 -2.48
N TRP B 107 -14.69 -3.02 -1.68
CA TRP B 107 -13.68 -3.46 -0.72
C TRP B 107 -14.12 -3.08 0.67
N GLY B 108 -13.73 -3.89 1.65
CA GLY B 108 -13.91 -3.53 3.05
C GLY B 108 -12.91 -2.47 3.49
N GLN B 109 -13.00 -2.07 4.76
CA GLN B 109 -12.10 -1.08 5.34
C GLN B 109 -10.74 -1.70 5.68
N GLY B 110 -10.69 -3.03 5.71
CA GLY B 110 -9.46 -3.78 5.98
C GLY B 110 -9.26 -4.17 7.44
N THR B 111 -8.45 -5.19 7.68
CA THR B 111 -7.99 -5.54 9.02
C THR B 111 -6.48 -5.77 9.03
N SER B 112 -5.83 -5.27 10.08
CA SER B 112 -4.38 -5.19 10.14
C SER B 112 -3.75 -6.40 10.81
N VAL B 113 -2.77 -6.98 10.12
CA VAL B 113 -2.05 -8.15 10.62
C VAL B 113 -0.56 -7.80 10.76
N THR B 114 0.03 -8.27 11.85
CA THR B 114 1.43 -8.01 12.15
C THR B 114 2.09 -9.28 12.67
N VAL B 115 3.13 -9.73 11.97
CA VAL B 115 3.84 -10.92 12.38
C VAL B 115 5.23 -10.54 12.89
N SER B 116 5.46 -10.77 14.18
CA SER B 116 6.68 -10.33 14.84
C SER B 116 6.92 -11.08 16.15
N SER B 117 8.18 -11.41 16.41
CA SER B 117 8.58 -12.06 17.66
C SER B 117 8.97 -11.04 18.75
N ALA B 118 8.94 -9.75 18.39
CA ALA B 118 9.33 -8.68 19.32
C ALA B 118 8.39 -8.59 20.51
N LYS B 119 8.96 -8.37 21.69
CA LYS B 119 8.20 -8.25 22.92
C LYS B 119 7.78 -6.80 23.16
N THR B 120 6.65 -6.62 23.85
CA THR B 120 6.12 -5.30 24.20
C THR B 120 7.15 -4.51 25.02
N THR B 121 7.58 -3.39 24.45
CA THR B 121 8.65 -2.58 25.02
C THR B 121 8.24 -1.10 25.04
N PRO B 122 8.40 -0.44 26.20
CA PRO B 122 8.10 0.99 26.30
C PRO B 122 9.18 1.85 25.63
N PRO B 123 8.79 3.04 25.12
CA PRO B 123 9.77 3.92 24.50
C PRO B 123 10.69 4.62 25.50
N SER B 124 11.92 4.88 25.07
CA SER B 124 12.76 5.86 25.73
C SER B 124 12.44 7.22 25.09
N VAL B 125 12.21 8.23 25.92
CA VAL B 125 11.94 9.57 25.39
C VAL B 125 13.09 10.55 25.67
N TYR B 126 13.63 11.11 24.59
CA TYR B 126 14.73 12.04 24.69
C TYR B 126 14.35 13.41 24.13
N PRO B 127 14.44 14.46 24.97
CA PRO B 127 14.13 15.81 24.51
C PRO B 127 15.20 16.35 23.58
N LEU B 128 14.78 16.96 22.49
CA LEU B 128 15.71 17.54 21.52
C LEU B 128 15.64 19.06 21.64
N ALA B 129 16.72 19.66 22.14
CA ALA B 129 16.83 21.11 22.32
C ALA B 129 18.09 21.61 21.62
N PRO B 130 18.02 22.80 20.99
CA PRO B 130 19.20 23.38 20.35
C PRO B 130 20.36 23.54 21.32
N GLY B 131 21.58 23.43 20.82
CA GLY B 131 22.79 23.59 21.63
C GLY B 131 22.97 25.03 22.07
N CYS B 132 23.26 25.22 23.35
CA CYS B 132 23.53 26.54 23.95
C CYS B 132 22.61 27.65 23.46
N THR B 136 17.78 32.22 18.37
CA THR B 136 18.10 32.79 17.07
C THR B 136 16.94 32.59 16.09
N GLY B 137 16.47 33.69 15.51
CA GLY B 137 15.34 33.66 14.57
C GLY B 137 14.03 34.06 15.21
N SER B 138 12.98 34.16 14.38
CA SER B 138 11.64 34.50 14.85
C SER B 138 10.97 33.33 15.58
N SER B 139 11.29 32.11 15.15
CA SER B 139 10.75 30.91 15.77
C SER B 139 11.85 29.94 16.19
N VAL B 140 11.48 29.01 17.07
CA VAL B 140 12.37 27.96 17.53
C VAL B 140 11.68 26.61 17.32
N THR B 141 12.40 25.65 16.72
CA THR B 141 11.89 24.29 16.55
C THR B 141 12.51 23.38 17.62
N LEU B 142 11.67 22.60 18.28
CA LEU B 142 12.08 21.69 19.34
C LEU B 142 11.59 20.28 19.01
N GLY B 143 12.17 19.28 19.66
CA GLY B 143 11.82 17.89 19.36
C GLY B 143 11.82 16.94 20.53
N CYS B 144 11.23 15.77 20.30
CA CYS B 144 11.34 14.65 21.23
C CYS B 144 11.57 13.39 20.41
N LEU B 145 12.64 12.67 20.75
CA LEU B 145 12.97 11.41 20.11
C LEU B 145 12.40 10.26 20.93
N VAL B 146 11.60 9.43 20.27
CA VAL B 146 10.84 8.36 20.92
C VAL B 146 11.40 7.03 20.42
N LYS B 147 12.16 6.35 21.27
CA LYS B 147 13.08 5.32 20.81
C LYS B 147 12.89 3.93 21.40
N GLY B 148 12.96 2.92 20.54
CA GLY B 148 12.98 1.52 20.95
C GLY B 148 11.70 1.02 21.60
N TYR B 149 10.58 1.15 20.89
CA TYR B 149 9.29 0.73 21.42
C TYR B 149 8.60 -0.32 20.53
N PHE B 150 7.71 -1.09 21.13
CA PHE B 150 6.90 -2.08 20.41
C PHE B 150 5.63 -2.41 21.22
N PRO B 151 4.48 -2.55 20.52
CA PRO B 151 4.28 -2.34 19.09
C PRO B 151 4.03 -0.88 18.74
N GLU B 152 3.67 -0.61 17.49
CA GLU B 152 3.39 0.73 17.03
C GLU B 152 2.14 1.35 17.66
N SER B 153 1.88 2.60 17.28
CA SER B 153 0.94 3.51 17.94
C SER B 153 1.55 4.06 19.23
N VAL B 154 2.21 5.20 19.07
CA VAL B 154 2.52 6.11 20.16
C VAL B 154 1.86 7.43 19.80
N THR B 155 1.57 8.26 20.80
CA THR B 155 1.02 9.58 20.54
C THR B 155 1.82 10.64 21.28
N VAL B 156 2.39 11.56 20.53
CA VAL B 156 3.14 12.67 21.10
C VAL B 156 2.27 13.92 21.11
N THR B 157 1.92 14.39 22.30
CA THR B 157 1.14 15.61 22.43
C THR B 157 1.99 16.69 23.10
N TRP B 158 2.04 17.86 22.47
CA TRP B 158 2.88 18.95 22.93
C TRP B 158 2.09 20.00 23.72
N ASN B 159 2.65 20.39 24.85
CA ASN B 159 2.14 21.53 25.60
C ASN B 159 3.12 22.71 25.51
N SER B 160 2.60 23.85 25.08
CA SER B 160 3.38 25.08 24.96
C SER B 160 2.60 26.25 25.56
N GLY B 161 3.23 27.42 25.58
CA GLY B 161 2.57 28.62 26.06
C GLY B 161 1.87 29.39 24.96
N SER B 162 2.02 28.89 23.72
CA SER B 162 1.49 29.57 22.55
C SER B 162 0.48 28.72 21.78
N LEU B 163 -0.58 29.36 21.31
CA LEU B 163 -1.58 28.72 20.46
C LEU B 163 -1.05 28.48 19.05
N SER B 164 -0.26 29.42 18.54
CA SER B 164 0.35 29.28 17.21
C SER B 164 1.59 28.39 17.26
N SER B 165 1.41 27.15 16.85
CA SER B 165 2.50 26.19 16.75
C SER B 165 2.16 25.12 15.71
N SER B 166 3.17 24.63 15.00
CA SER B 166 3.00 23.50 14.09
C SER B 166 3.75 22.27 14.61
N VAL B 167 3.09 21.13 14.50
CA VAL B 167 3.65 19.86 14.97
C VAL B 167 3.90 18.94 13.78
N HIS B 168 5.11 18.43 13.68
CA HIS B 168 5.42 17.41 12.66
C HIS B 168 5.61 16.05 13.29
N THR B 169 4.81 15.08 12.83
CA THR B 169 4.90 13.72 13.33
C THR B 169 5.56 12.87 12.25
N PHE B 170 6.72 12.32 12.58
CA PHE B 170 7.51 11.55 11.63
C PHE B 170 7.25 10.06 11.78
N PRO B 171 6.85 9.38 10.68
CA PRO B 171 6.49 7.97 10.73
C PRO B 171 7.60 7.11 11.31
N ALA B 172 7.22 6.11 12.10
CA ALA B 172 8.15 5.20 12.77
C ALA B 172 9.06 4.45 11.80
N LEU B 173 10.28 4.16 12.25
CA LEU B 173 11.21 3.33 11.49
C LEU B 173 11.59 2.10 12.30
N LEU B 174 11.59 0.95 11.64
CA LEU B 174 11.93 -0.31 12.30
C LEU B 174 13.44 -0.48 12.39
N GLN B 175 13.95 -0.39 13.61
CA GLN B 175 15.40 -0.41 13.87
C GLN B 175 15.71 -1.38 15.01
N SER B 176 16.37 -2.49 14.68
CA SER B 176 16.72 -3.55 15.64
C SER B 176 15.49 -4.16 16.30
N GLY B 177 14.54 -4.62 15.47
CA GLY B 177 13.29 -5.21 15.95
C GLY B 177 12.32 -4.24 16.61
N LEU B 178 12.77 -3.00 16.84
CA LEU B 178 11.98 -2.02 17.56
C LEU B 178 11.78 -0.72 16.77
N TYR B 179 10.66 -0.05 17.03
CA TYR B 179 10.33 1.19 16.35
C TYR B 179 10.97 2.42 17.00
N THR B 180 11.36 3.37 16.16
CA THR B 180 11.83 4.67 16.60
C THR B 180 11.13 5.74 15.76
N MET B 181 10.53 6.72 16.42
CA MET B 181 9.93 7.86 15.76
C MET B 181 10.40 9.19 16.35
N SER B 182 10.06 10.29 15.68
CA SER B 182 10.37 11.62 16.19
C SER B 182 9.17 12.55 15.99
N SER B 183 9.13 13.61 16.79
CA SER B 183 8.13 14.65 16.66
C SER B 183 8.78 16.01 16.89
N SER B 184 8.44 16.98 16.04
CA SER B 184 8.96 18.33 16.21
C SER B 184 7.83 19.30 16.44
N VAL B 185 8.11 20.33 17.24
CA VAL B 185 7.20 21.45 17.43
C VAL B 185 7.95 22.76 17.19
N THR B 186 7.35 23.65 16.41
CA THR B 186 7.92 24.94 16.10
C THR B 186 7.07 26.04 16.75
N VAL B 187 7.71 26.83 17.61
CA VAL B 187 7.04 27.91 18.36
C VAL B 187 7.81 29.22 18.23
N PRO B 188 7.12 30.38 18.42
CA PRO B 188 7.80 31.68 18.42
C PRO B 188 8.92 31.76 19.48
N SER B 189 9.99 32.49 19.15
CA SER B 189 11.17 32.61 20.02
C SER B 189 10.89 33.33 21.34
N SER B 190 9.77 34.04 21.40
CA SER B 190 9.38 34.77 22.60
C SER B 190 8.58 33.90 23.58
N THR B 191 8.38 32.63 23.24
CA THR B 191 7.64 31.70 24.11
C THR B 191 8.46 30.52 24.64
N TRP B 192 9.66 30.33 24.09
CA TRP B 192 10.61 29.35 24.58
C TRP B 192 12.02 29.94 24.54
N PRO B 193 12.83 29.72 25.60
CA PRO B 193 12.57 28.99 26.85
C PRO B 193 11.73 29.73 27.89
N SER B 194 11.32 30.97 27.59
CA SER B 194 10.59 31.82 28.54
C SER B 194 9.33 31.17 29.13
N GLN B 195 8.71 30.29 28.36
CA GLN B 195 7.61 29.46 28.86
C GLN B 195 7.90 27.97 28.62
N THR B 196 7.20 27.11 29.35
CA THR B 196 7.51 25.69 29.36
C THR B 196 6.89 24.95 28.17
N VAL B 197 7.75 24.25 27.43
CA VAL B 197 7.32 23.32 26.40
C VAL B 197 7.61 21.90 26.90
N THR B 198 6.58 21.05 26.84
CA THR B 198 6.74 19.64 27.18
C THR B 198 6.14 18.74 26.09
N CYS B 199 6.72 17.56 25.92
CA CYS B 199 6.13 16.53 25.08
C CYS B 199 5.65 15.38 25.95
N SER B 200 4.37 15.03 25.82
CA SER B 200 3.78 13.89 26.51
C SER B 200 3.70 12.73 25.52
N VAL B 201 4.37 11.63 25.85
CA VAL B 201 4.44 10.46 24.97
C VAL B 201 3.69 9.29 25.59
N ALA B 202 2.57 8.93 24.98
CA ALA B 202 1.74 7.83 25.45
C ALA B 202 1.91 6.58 24.58
N HIS B 203 2.22 5.46 25.23
CA HIS B 203 2.33 4.17 24.56
C HIS B 203 1.33 3.19 25.18
N PRO B 204 0.11 3.13 24.61
CA PRO B 204 -1.00 2.34 25.15
C PRO B 204 -0.67 0.87 25.42
N ALA B 205 0.09 0.25 24.52
CA ALA B 205 0.44 -1.17 24.62
C ALA B 205 1.28 -1.53 25.85
N SER B 206 2.02 -0.56 26.38
CA SER B 206 2.82 -0.77 27.59
C SER B 206 2.25 -0.04 28.80
N SER B 207 1.11 0.63 28.60
CA SER B 207 0.46 1.46 29.62
C SER B 207 1.42 2.47 30.24
N THR B 208 2.08 3.24 29.38
CA THR B 208 3.10 4.20 29.81
C THR B 208 2.86 5.58 29.19
N THR B 209 3.03 6.61 30.01
CA THR B 209 3.01 8.00 29.55
C THR B 209 4.24 8.70 30.13
N VAL B 210 5.10 9.22 29.26
CA VAL B 210 6.32 9.92 29.69
C VAL B 210 6.34 11.38 29.22
N ASP B 211 6.44 12.29 30.19
CA ASP B 211 6.60 13.71 29.90
C ASP B 211 8.06 14.12 29.97
N LYS B 212 8.54 14.77 28.92
CA LYS B 212 9.84 15.41 28.94
C LYS B 212 9.66 16.92 28.83
N LYS B 213 10.32 17.65 29.71
CA LYS B 213 10.34 19.10 29.64
C LYS B 213 11.55 19.52 28.80
N LEU B 214 11.35 20.49 27.92
CA LEU B 214 12.43 20.94 27.06
C LEU B 214 13.24 22.07 27.70
N GLU B 215 14.46 21.74 28.08
CA GLU B 215 15.35 22.64 28.81
C GLU B 215 16.49 23.10 27.90
N PRO B 216 16.80 24.42 27.91
CA PRO B 216 17.90 24.98 27.13
C PRO B 216 19.26 24.37 27.51
N ASP C 1 2.06 -13.85 -13.17
CA ASP C 1 3.31 -13.29 -13.73
C ASP C 1 3.06 -12.36 -14.93
N VAL C 2 2.09 -11.47 -14.78
CA VAL C 2 2.02 -10.30 -15.66
C VAL C 2 2.44 -9.11 -14.81
N VAL C 3 3.54 -8.48 -15.22
CA VAL C 3 4.10 -7.35 -14.51
C VAL C 3 3.43 -6.07 -14.97
N MET C 4 2.83 -5.34 -14.03
CA MET C 4 2.22 -4.05 -14.31
C MET C 4 3.16 -2.92 -13.87
N THR C 5 3.56 -2.09 -14.82
CA THR C 5 4.49 -1.00 -14.54
C THR C 5 3.81 0.35 -14.68
N GLN C 6 3.75 1.08 -13.57
CA GLN C 6 3.12 2.40 -13.53
C GLN C 6 4.14 3.53 -13.47
N THR C 7 3.90 4.57 -14.26
CA THR C 7 4.71 5.79 -14.23
C THR C 7 3.79 7.02 -14.35
N PRO C 8 4.15 8.13 -13.68
CA PRO C 8 5.28 8.24 -12.74
C PRO C 8 4.91 7.68 -11.37
N LEU C 9 5.86 7.69 -10.43
CA LEU C 9 5.58 7.23 -9.08
C LEU C 9 4.80 8.28 -8.30
N SER C 10 5.25 9.54 -8.42
CA SER C 10 4.54 10.71 -7.91
C SER C 10 4.26 11.64 -9.09
N LEU C 11 3.06 12.18 -9.15
CA LEU C 11 2.71 13.20 -10.14
C LEU C 11 2.29 14.50 -9.46
N PRO C 12 3.18 15.51 -9.47
CA PRO C 12 2.81 16.83 -8.95
C PRO C 12 1.87 17.57 -9.91
N VAL C 13 0.68 17.89 -9.43
CA VAL C 13 -0.32 18.60 -10.22
C VAL C 13 -0.87 19.75 -9.38
N SER C 14 -1.22 20.87 -10.02
CA SER C 14 -1.97 21.91 -9.35
C SER C 14 -3.47 21.70 -9.62
N LEU C 15 -4.32 22.33 -8.80
CA LEU C 15 -5.77 22.16 -8.92
C LEU C 15 -6.31 22.78 -10.18
N GLY C 16 -7.07 22.00 -10.94
CA GLY C 16 -7.65 22.47 -12.20
C GLY C 16 -6.87 22.03 -13.43
N ASP C 17 -5.65 21.55 -13.22
CA ASP C 17 -4.82 21.08 -14.32
C ASP C 17 -5.17 19.66 -14.70
N GLN C 18 -4.79 19.25 -15.91
CA GLN C 18 -4.98 17.86 -16.33
C GLN C 18 -3.80 16.99 -15.91
N ALA C 19 -4.13 15.73 -15.60
CA ALA C 19 -3.14 14.75 -15.19
C ALA C 19 -3.28 13.53 -16.06
N SER C 20 -2.16 12.85 -16.30
CA SER C 20 -2.19 11.57 -17.02
C SER C 20 -1.19 10.58 -16.44
N ILE C 21 -1.70 9.40 -16.10
CA ILE C 21 -0.92 8.34 -15.48
C ILE C 21 -0.79 7.17 -16.45
N SER C 22 0.42 6.63 -16.55
CA SER C 22 0.72 5.52 -17.46
C SER C 22 0.74 4.19 -16.71
N CYS C 23 0.22 3.16 -17.38
CA CYS C 23 0.28 1.79 -16.88
C CYS C 23 0.58 0.86 -18.05
N ARG C 24 1.64 0.05 -17.88
CA ARG C 24 2.09 -0.85 -18.93
C ARG C 24 2.24 -2.28 -18.43
N SER C 25 1.69 -3.22 -19.18
CA SER C 25 1.76 -4.64 -18.84
C SER C 25 2.90 -5.35 -19.59
N SER C 26 3.41 -6.43 -18.97
CA SER C 26 4.45 -7.27 -19.57
C SER C 26 3.97 -8.08 -20.78
N GLN C 27 2.67 -8.35 -20.84
CA GLN C 27 2.07 -8.96 -22.03
C GLN C 27 0.68 -8.39 -22.30
N SER C 28 0.17 -8.60 -23.51
CA SER C 28 -1.12 -8.03 -23.92
C SER C 28 -2.26 -8.43 -22.99
N LEU C 29 -3.15 -7.50 -22.74
CA LEU C 29 -4.27 -7.73 -21.82
C LEU C 29 -5.59 -7.97 -22.55
N ILE C 30 -5.52 -8.11 -23.88
CA ILE C 30 -6.70 -8.46 -24.66
C ILE C 30 -7.10 -9.90 -24.35
N HIS C 31 -8.35 -10.06 -23.94
CA HIS C 31 -8.95 -11.36 -23.65
C HIS C 31 -9.54 -11.91 -24.93
N THR C 32 -9.44 -13.22 -25.12
CA THR C 32 -10.05 -13.89 -26.27
C THR C 32 -11.54 -13.49 -26.47
N ASN C 33 -12.20 -13.04 -25.40
CA ASN C 33 -13.60 -12.59 -25.49
C ASN C 33 -13.79 -11.18 -26.03
N GLY C 34 -12.72 -10.60 -26.57
CA GLY C 34 -12.77 -9.26 -27.16
C GLY C 34 -12.50 -8.13 -26.20
N ASN C 35 -12.76 -8.35 -24.92
CA ASN C 35 -12.55 -7.30 -23.90
C ASN C 35 -11.09 -7.21 -23.45
N THR C 36 -10.76 -6.11 -22.79
CA THR C 36 -9.41 -5.91 -22.27
C THR C 36 -9.51 -5.59 -20.79
N TYR C 37 -8.95 -6.49 -19.97
CA TYR C 37 -9.18 -6.44 -18.52
C TYR C 37 -8.11 -5.67 -17.76
N LEU C 38 -8.10 -4.36 -18.00
CA LEU C 38 -7.26 -3.43 -17.26
C LEU C 38 -8.14 -2.49 -16.45
N HIS C 39 -7.83 -2.33 -15.18
CA HIS C 39 -8.67 -1.57 -14.26
C HIS C 39 -7.87 -0.56 -13.45
N TRP C 40 -8.55 0.50 -13.06
CA TRP C 40 -7.94 1.59 -12.29
C TRP C 40 -8.65 1.77 -10.97
N TYR C 41 -7.86 1.88 -9.89
CA TYR C 41 -8.37 2.07 -8.54
C TYR C 41 -7.82 3.36 -7.94
N LEU C 42 -8.57 3.94 -7.02
CA LEU C 42 -8.09 5.08 -6.24
C LEU C 42 -8.09 4.75 -4.76
N GLN C 43 -6.95 4.99 -4.11
CA GLN C 43 -6.83 4.87 -2.68
C GLN C 43 -6.55 6.23 -2.05
N LYS C 44 -7.55 6.74 -1.32
CA LYS C 44 -7.42 7.98 -0.57
C LYS C 44 -6.77 7.68 0.78
N PRO C 45 -6.07 8.67 1.38
CA PRO C 45 -5.41 8.46 2.67
C PRO C 45 -6.39 7.98 3.76
N GLY C 46 -5.98 6.97 4.52
CA GLY C 46 -6.82 6.38 5.55
C GLY C 46 -8.03 5.58 5.06
N GLN C 47 -8.10 5.40 3.73
CA GLN C 47 -9.22 4.68 3.10
C GLN C 47 -8.73 3.45 2.33
N SER C 48 -9.64 2.52 2.08
CA SER C 48 -9.33 1.35 1.26
C SER C 48 -9.40 1.74 -0.22
N PRO C 49 -8.86 0.89 -1.12
CA PRO C 49 -9.00 1.20 -2.54
C PRO C 49 -10.45 1.15 -2.99
N LYS C 50 -10.79 2.01 -3.93
CA LYS C 50 -12.10 2.00 -4.56
C LYS C 50 -11.90 1.89 -6.07
N LEU C 51 -12.85 1.22 -6.73
CA LEU C 51 -12.81 1.05 -8.18
C LEU C 51 -13.24 2.34 -8.88
N LEU C 52 -12.46 2.76 -9.87
CA LEU C 52 -12.73 3.97 -10.65
C LEU C 52 -13.16 3.63 -12.06
N ILE C 53 -12.31 2.85 -12.72
CA ILE C 53 -12.51 2.44 -14.11
C ILE C 53 -12.20 0.96 -14.25
N TYR C 54 -13.17 0.23 -14.83
CA TYR C 54 -12.99 -1.18 -15.15
C TYR C 54 -12.95 -1.38 -16.66
N LYS C 55 -12.25 -2.42 -17.10
CA LYS C 55 -12.06 -2.73 -18.52
C LYS C 55 -11.65 -1.53 -19.39
N VAL C 56 -10.53 -0.92 -19.02
CA VAL C 56 -9.87 0.16 -19.80
C VAL C 56 -10.51 1.54 -19.66
N SER C 57 -11.80 1.65 -19.93
CA SER C 57 -12.44 2.96 -20.14
C SER C 57 -13.86 3.09 -19.56
N ASN C 58 -14.32 2.07 -18.84
CA ASN C 58 -15.64 2.12 -18.22
C ASN C 58 -15.58 2.70 -16.81
N ARG C 59 -16.24 3.83 -16.61
CA ARG C 59 -16.31 4.43 -15.28
C ARG C 59 -17.31 3.67 -14.40
N PHE C 60 -16.87 3.35 -13.18
CA PHE C 60 -17.74 2.70 -12.21
C PHE C 60 -18.75 3.72 -11.68
N SER C 61 -19.79 3.22 -11.01
CA SER C 61 -20.87 4.06 -10.51
C SER C 61 -20.39 5.19 -9.61
N GLY C 62 -20.86 6.40 -9.89
CA GLY C 62 -20.53 7.59 -9.09
C GLY C 62 -19.23 8.27 -9.47
N VAL C 63 -18.52 7.69 -10.45
CA VAL C 63 -17.23 8.23 -10.90
C VAL C 63 -17.47 9.30 -11.99
N PRO C 64 -16.97 10.53 -11.74
CA PRO C 64 -17.23 11.66 -12.63
C PRO C 64 -16.54 11.59 -14.00
N ASP C 65 -17.18 12.24 -14.95
CA ASP C 65 -16.78 12.40 -16.35
C ASP C 65 -15.32 12.83 -16.57
N ARG C 66 -14.73 13.48 -15.57
CA ARG C 66 -13.39 14.03 -15.72
C ARG C 66 -12.31 12.95 -15.76
N PHE C 67 -12.63 11.77 -15.20
CA PHE C 67 -11.76 10.60 -15.28
C PHE C 67 -12.04 9.83 -16.56
N SER C 68 -11.00 9.64 -17.37
CA SER C 68 -11.14 8.83 -18.59
C SER C 68 -9.97 7.87 -18.75
N GLY C 69 -10.29 6.60 -18.99
CA GLY C 69 -9.28 5.60 -19.27
C GLY C 69 -9.18 5.32 -20.77
N SER C 70 -7.99 4.96 -21.22
CA SER C 70 -7.77 4.59 -22.63
C SER C 70 -6.57 3.66 -22.76
N GLY C 71 -6.29 3.23 -23.99
CA GLY C 71 -5.17 2.35 -24.28
C GLY C 71 -5.60 1.03 -24.89
N SER C 72 -4.61 0.21 -25.24
CA SER C 72 -4.85 -1.09 -25.83
C SER C 72 -3.60 -1.96 -25.73
N GLY C 73 -3.80 -3.27 -25.75
CA GLY C 73 -2.69 -4.23 -25.71
C GLY C 73 -1.90 -4.18 -24.42
N THR C 74 -0.83 -3.39 -24.43
CA THR C 74 0.13 -3.31 -23.33
C THR C 74 0.27 -1.90 -22.72
N ASP C 75 -0.24 -0.89 -23.43
CA ASP C 75 -0.09 0.51 -23.01
C ASP C 75 -1.43 1.16 -22.71
N PHE C 76 -1.57 1.66 -21.49
CA PHE C 76 -2.83 2.22 -21.01
C PHE C 76 -2.63 3.55 -20.30
N THR C 77 -3.67 4.38 -20.29
CA THR C 77 -3.60 5.71 -19.70
C THR C 77 -4.86 6.09 -18.93
N LEU C 78 -4.65 6.64 -17.74
CA LEU C 78 -5.71 7.28 -16.98
C LEU C 78 -5.54 8.80 -17.07
N LYS C 79 -6.55 9.49 -17.60
CA LYS C 79 -6.53 10.95 -17.68
C LYS C 79 -7.52 11.58 -16.70
N ILE C 80 -7.08 12.65 -16.05
CA ILE C 80 -7.96 13.44 -15.21
C ILE C 80 -7.98 14.82 -15.83
N SER C 81 -9.12 15.17 -16.45
CA SER C 81 -9.21 16.38 -17.28
C SER C 81 -8.95 17.67 -16.51
N ARG C 82 -9.39 17.69 -15.26
CA ARG C 82 -9.18 18.82 -14.35
C ARG C 82 -9.16 18.30 -12.92
N VAL C 83 -8.00 18.40 -12.29
CA VAL C 83 -7.75 17.79 -10.97
C VAL C 83 -8.44 18.56 -9.85
N GLU C 84 -9.24 17.85 -9.07
CA GLU C 84 -9.90 18.42 -7.90
C GLU C 84 -9.28 17.85 -6.62
N ALA C 85 -9.53 18.53 -5.50
CA ALA C 85 -8.90 18.18 -4.22
C ALA C 85 -9.22 16.76 -3.76
N GLU C 86 -10.42 16.31 -4.06
CA GLU C 86 -10.89 14.98 -3.65
C GLU C 86 -10.26 13.84 -4.47
N ASP C 87 -9.54 14.18 -5.53
CA ASP C 87 -8.90 13.18 -6.39
C ASP C 87 -7.55 12.73 -5.84
N LEU C 88 -7.03 13.46 -4.86
CA LEU C 88 -5.71 13.22 -4.31
C LEU C 88 -5.63 11.88 -3.59
N GLY C 89 -4.53 11.16 -3.84
CA GLY C 89 -4.29 9.84 -3.27
C GLY C 89 -3.47 8.99 -4.23
N VAL C 90 -3.59 7.67 -4.09
CA VAL C 90 -2.80 6.75 -4.92
C VAL C 90 -3.68 5.99 -5.90
N TYR C 91 -3.30 6.06 -7.17
CA TYR C 91 -3.98 5.33 -8.22
C TYR C 91 -3.25 4.04 -8.56
N PHE C 92 -4.00 2.94 -8.62
CA PHE C 92 -3.44 1.63 -8.94
C PHE C 92 -4.10 1.07 -10.19
N CYS C 93 -3.29 0.65 -11.15
CA CYS C 93 -3.80 -0.17 -12.24
C CYS C 93 -3.70 -1.65 -11.90
N SER C 94 -4.56 -2.43 -12.51
CA SER C 94 -4.70 -3.84 -12.23
C SER C 94 -5.07 -4.58 -13.50
N GLN C 95 -4.63 -5.83 -13.60
CA GLN C 95 -4.99 -6.68 -14.73
C GLN C 95 -5.67 -7.96 -14.25
N SER C 96 -6.70 -8.39 -14.98
CA SER C 96 -7.38 -9.65 -14.69
C SER C 96 -7.60 -10.50 -15.95
N THR C 97 -6.73 -10.34 -16.95
CA THR C 97 -6.77 -11.11 -18.19
C THR C 97 -5.99 -12.41 -18.07
N HIS C 98 -4.79 -12.32 -17.49
CA HIS C 98 -3.91 -13.47 -17.34
C HIS C 98 -3.85 -13.83 -15.87
N ILE C 99 -4.68 -14.79 -15.50
CA ILE C 99 -4.98 -15.07 -14.10
C ILE C 99 -5.11 -16.58 -13.87
N PRO C 100 -4.71 -17.07 -12.68
CA PRO C 100 -4.00 -16.32 -11.63
C PRO C 100 -2.54 -16.11 -12.03
N PRO C 101 -1.81 -15.23 -11.33
CA PRO C 101 -2.28 -14.29 -10.30
C PRO C 101 -2.91 -13.01 -10.86
N TRP C 102 -3.78 -12.40 -10.08
CA TRP C 102 -4.26 -11.05 -10.33
C TRP C 102 -3.15 -10.11 -9.87
N THR C 103 -2.74 -9.19 -10.74
CA THR C 103 -1.60 -8.31 -10.42
C THR C 103 -1.95 -6.83 -10.45
N PHE C 104 -1.24 -6.07 -9.62
CA PHE C 104 -1.44 -4.62 -9.49
C PHE C 104 -0.19 -3.87 -9.87
N GLY C 105 -0.37 -2.71 -10.49
CA GLY C 105 0.71 -1.76 -10.68
C GLY C 105 1.19 -1.25 -9.33
N GLY C 106 2.42 -0.74 -9.30
CA GLY C 106 3.02 -0.22 -8.07
C GLY C 106 2.32 0.99 -7.49
N GLY C 107 1.65 1.78 -8.34
CA GLY C 107 0.89 2.93 -7.88
C GLY C 107 1.47 4.28 -8.29
N THR C 108 0.57 5.25 -8.46
CA THR C 108 0.95 6.62 -8.78
C THR C 108 0.26 7.57 -7.80
N LYS C 109 1.06 8.26 -7.01
CA LYS C 109 0.57 9.19 -6.00
C LYS C 109 0.33 10.57 -6.62
N LEU C 110 -0.95 10.96 -6.71
CA LEU C 110 -1.33 12.28 -7.17
C LEU C 110 -1.10 13.28 -6.05
N GLU C 111 -0.31 14.31 -6.32
CA GLU C 111 0.07 15.25 -5.27
C GLU C 111 -0.08 16.71 -5.69
N ILE C 112 -0.15 17.59 -4.70
CA ILE C 112 -0.33 19.03 -4.91
C ILE C 112 0.99 19.68 -5.32
N LYS C 113 0.93 20.46 -6.40
CA LYS C 113 2.06 21.25 -6.84
C LYS C 113 1.95 22.66 -6.25
N ARG C 114 3.00 23.09 -5.56
CA ARG C 114 3.04 24.43 -4.96
C ARG C 114 4.35 25.13 -5.35
N ALA C 115 4.53 26.35 -4.86
CA ALA C 115 5.79 27.07 -5.06
C ALA C 115 6.93 26.39 -4.32
N ASP C 116 8.14 26.59 -4.79
CA ASP C 116 9.32 26.02 -4.14
C ASP C 116 9.53 26.62 -2.75
N ALA C 117 10.07 25.81 -1.85
CA ALA C 117 10.36 26.25 -0.49
C ALA C 117 11.60 25.54 0.02
N ALA C 118 12.57 26.31 0.48
CA ALA C 118 13.76 25.77 1.12
C ALA C 118 13.38 25.24 2.50
N PRO C 119 14.01 24.13 2.93
CA PRO C 119 13.70 23.56 4.23
C PRO C 119 14.17 24.44 5.40
N THR C 120 13.39 24.44 6.48
CA THR C 120 13.83 25.00 7.76
C THR C 120 14.60 23.90 8.47
N VAL C 121 15.91 24.10 8.62
CA VAL C 121 16.80 23.06 9.14
C VAL C 121 17.21 23.33 10.59
N SER C 122 16.99 22.35 11.47
CA SER C 122 17.43 22.42 12.87
C SER C 122 18.23 21.18 13.26
N ILE C 123 19.39 21.39 13.89
CA ILE C 123 20.19 20.30 14.43
C ILE C 123 20.13 20.29 15.96
N PHE C 124 20.15 19.10 16.55
CA PHE C 124 20.08 18.96 18.00
C PHE C 124 21.16 18.01 18.51
N PRO C 125 21.95 18.48 19.49
CA PRO C 125 22.88 17.55 20.14
C PRO C 125 22.12 16.48 20.91
N THR C 126 22.78 15.35 21.14
CA THR C 126 22.27 14.30 22.01
C THR C 126 21.96 14.89 23.39
N ILE C 127 20.76 14.59 23.92
CA ILE C 127 20.46 14.95 25.32
C ILE C 127 21.35 14.16 26.27
N SER C 128 21.74 14.80 27.37
CA SER C 128 22.52 14.15 28.42
C SER C 128 21.82 12.91 28.97
N GLU C 129 20.49 12.91 28.94
CA GLU C 129 19.70 11.75 29.36
C GLU C 129 19.98 10.51 28.51
N GLN C 130 20.26 10.72 27.22
CA GLN C 130 20.71 9.62 26.36
C GLN C 130 22.21 9.34 26.57
N LEU C 131 23.02 10.40 26.60
CA LEU C 131 24.47 10.27 26.74
C LEU C 131 24.88 9.45 27.97
N THR C 132 24.30 9.77 29.12
CA THR C 132 24.64 9.11 30.38
C THR C 132 24.24 7.62 30.41
N SER C 133 23.40 7.19 29.47
CA SER C 133 23.09 5.76 29.32
C SER C 133 23.82 5.11 28.14
N GLY C 134 24.78 5.83 27.55
CA GLY C 134 25.71 5.25 26.58
C GLY C 134 25.36 5.34 25.10
N GLY C 135 24.32 6.11 24.77
CA GLY C 135 23.94 6.33 23.37
C GLY C 135 24.10 7.77 22.92
N ALA C 136 24.31 7.97 21.63
CA ALA C 136 24.31 9.32 21.07
C ALA C 136 23.53 9.41 19.75
N SER C 137 22.31 9.89 19.84
CA SER C 137 21.51 10.18 18.65
C SER C 137 21.53 11.67 18.35
N VAL C 138 22.08 12.02 17.19
CA VAL C 138 22.07 13.40 16.72
C VAL C 138 20.92 13.52 15.74
N VAL C 139 20.08 14.54 15.91
CA VAL C 139 18.86 14.67 15.12
C VAL C 139 18.86 15.95 14.28
N CYS C 140 18.30 15.83 13.07
CA CYS C 140 18.20 16.94 12.14
C CYS C 140 16.79 16.99 11.56
N PHE C 141 16.06 18.06 11.88
CA PHE C 141 14.75 18.30 11.27
C PHE C 141 14.88 19.17 10.04
N LEU C 142 14.22 18.75 8.97
CA LEU C 142 14.19 19.51 7.73
C LEU C 142 12.74 19.75 7.40
N ASN C 143 12.26 20.94 7.77
CA ASN C 143 10.84 21.21 7.77
C ASN C 143 10.34 22.11 6.66
N ASN C 144 9.15 21.78 6.18
CA ASN C 144 8.38 22.59 5.23
C ASN C 144 9.09 22.93 3.92
N PHE C 145 9.67 21.93 3.27
CA PHE C 145 10.27 22.11 1.96
C PHE C 145 9.38 21.65 0.79
N TYR C 146 9.62 22.24 -0.38
CA TYR C 146 9.03 21.77 -1.63
C TYR C 146 9.98 22.05 -2.79
N PRO C 147 10.22 21.05 -3.66
CA PRO C 147 9.56 19.74 -3.74
C PRO C 147 10.15 18.67 -2.82
N LYS C 148 9.58 17.47 -2.93
CA LYS C 148 9.91 16.32 -2.09
C LYS C 148 11.39 15.92 -2.14
N ASP C 149 12.02 16.08 -3.31
CA ASP C 149 13.38 15.59 -3.53
C ASP C 149 14.42 16.46 -2.84
N ILE C 150 15.09 15.88 -1.84
CA ILE C 150 16.12 16.58 -1.09
C ILE C 150 17.27 15.63 -0.73
N ASN C 151 18.46 16.18 -0.54
CA ASN C 151 19.61 15.39 -0.08
C ASN C 151 20.13 15.88 1.27
N VAL C 152 20.35 14.95 2.19
CA VAL C 152 20.86 15.26 3.52
C VAL C 152 22.20 14.56 3.76
N LYS C 153 23.20 15.34 4.14
CA LYS C 153 24.51 14.81 4.46
C LYS C 153 24.89 15.07 5.91
N TRP C 154 25.38 14.03 6.59
CA TRP C 154 25.94 14.17 7.93
C TRP C 154 27.46 14.27 7.86
N LYS C 155 28.00 15.32 8.48
CA LYS C 155 29.45 15.51 8.54
C LYS C 155 29.94 15.53 9.98
N ILE C 156 30.90 14.67 10.27
CA ILE C 156 31.56 14.66 11.57
C ILE C 156 33.00 15.12 11.37
N ASP C 157 33.33 16.24 12.01
CA ASP C 157 34.62 16.93 11.82
C ASP C 157 34.91 17.20 10.34
N GLY C 158 33.86 17.46 9.57
CA GLY C 158 33.99 17.80 8.15
C GLY C 158 33.84 16.64 7.19
N SER C 159 33.98 15.41 7.67
CA SER C 159 33.88 14.24 6.80
C SER C 159 32.52 13.56 6.90
N GLU C 160 32.02 13.12 5.74
CA GLU C 160 30.72 12.48 5.64
C GLU C 160 30.71 11.11 6.31
N ARG C 161 29.62 10.81 7.01
CA ARG C 161 29.41 9.53 7.66
C ARG C 161 28.09 8.95 7.17
N GLN C 162 28.12 7.72 6.67
CA GLN C 162 26.92 7.05 6.20
C GLN C 162 26.45 5.99 7.20
N ASN C 163 27.37 5.58 8.09
CA ASN C 163 27.07 4.68 9.19
C ASN C 163 25.98 5.21 10.11
N GLY C 164 24.95 4.39 10.34
CA GLY C 164 23.90 4.67 11.31
C GLY C 164 23.07 5.91 11.04
N VAL C 165 22.70 6.11 9.77
CA VAL C 165 21.82 7.21 9.39
C VAL C 165 20.43 6.66 9.08
N LEU C 166 19.43 7.19 9.77
CA LEU C 166 18.03 6.83 9.51
C LEU C 166 17.23 8.06 9.12
N ASN C 167 16.45 7.93 8.05
CA ASN C 167 15.66 9.03 7.54
C ASN C 167 14.18 8.70 7.50
N SER C 168 13.35 9.63 7.95
CA SER C 168 11.90 9.46 7.91
C SER C 168 11.24 10.69 7.28
N TRP C 169 10.43 10.46 6.26
CA TRP C 169 9.72 11.51 5.53
C TRP C 169 8.25 11.55 5.90
N THR C 170 7.68 12.75 5.99
CA THR C 170 6.24 12.90 6.14
C THR C 170 5.57 12.79 4.78
N ASP C 171 4.27 12.53 4.80
CA ASP C 171 3.43 12.70 3.62
C ASP C 171 3.22 14.19 3.41
N GLN C 172 2.62 14.57 2.28
CA GLN C 172 2.38 15.97 1.98
C GLN C 172 1.56 16.65 3.08
N ASP C 173 2.04 17.80 3.52
CA ASP C 173 1.40 18.58 4.57
C ASP C 173 0.04 19.10 4.12
N SER C 174 -0.97 18.93 4.96
CA SER C 174 -2.33 19.34 4.61
C SER C 174 -2.56 20.85 4.79
N LYS C 175 -1.73 21.48 5.60
CA LYS C 175 -1.83 22.93 5.85
C LYS C 175 -1.21 23.77 4.73
N ASP C 176 -0.02 23.38 4.27
CA ASP C 176 0.72 24.20 3.29
C ASP C 176 1.29 23.43 2.10
N SER C 177 1.02 22.12 2.04
CA SER C 177 1.43 21.24 0.92
C SER C 177 2.93 20.97 0.82
N THR C 178 3.67 21.24 1.89
CA THR C 178 5.10 20.99 1.88
C THR C 178 5.42 19.56 2.33
N TYR C 179 6.71 19.30 2.45
CA TYR C 179 7.19 18.05 2.99
C TYR C 179 8.16 18.32 4.14
N SER C 180 8.30 17.34 5.01
CA SER C 180 9.23 17.41 6.12
C SER C 180 9.96 16.10 6.28
N MET C 181 11.19 16.16 6.75
CA MET C 181 11.89 14.95 7.09
C MET C 181 12.71 15.07 8.37
N SER C 182 12.96 13.91 8.97
CA SER C 182 13.79 13.78 10.15
C SER C 182 14.95 12.87 9.80
N SER C 183 16.14 13.31 10.19
CA SER C 183 17.34 12.53 9.98
C SER C 183 18.05 12.36 11.32
N THR C 184 18.26 11.10 11.69
CA THR C 184 18.96 10.76 12.93
C THR C 184 20.28 10.04 12.64
N LEU C 185 21.35 10.54 13.25
CA LEU C 185 22.64 9.86 13.24
C LEU C 185 22.86 9.23 14.60
N THR C 186 22.99 7.90 14.61
CA THR C 186 23.18 7.15 15.84
C THR C 186 24.63 6.69 15.99
N LEU C 187 25.27 7.20 17.04
CA LEU C 187 26.61 6.79 17.42
C LEU C 187 26.59 6.31 18.87
N THR C 188 27.68 5.71 19.32
CA THR C 188 27.84 5.40 20.74
C THR C 188 28.35 6.64 21.47
N LYS C 189 28.12 6.71 22.78
CA LYS C 189 28.62 7.81 23.60
C LYS C 189 30.13 8.01 23.41
N ASP C 190 30.89 6.92 23.43
CA ASP C 190 32.34 6.96 23.28
C ASP C 190 32.78 7.55 21.93
N GLU C 191 32.13 7.11 20.86
CA GLU C 191 32.44 7.58 19.50
C GLU C 191 32.00 9.04 19.28
N TYR C 192 30.89 9.43 19.90
CA TYR C 192 30.42 10.81 19.87
C TYR C 192 31.44 11.76 20.51
N GLU C 193 31.99 11.34 21.65
CA GLU C 193 32.92 12.17 22.41
C GLU C 193 34.34 12.19 21.82
N ARG C 194 34.56 11.40 20.77
CA ARG C 194 35.84 11.40 20.06
C ARG C 194 35.94 12.51 19.01
N HIS C 195 34.81 13.17 18.73
CA HIS C 195 34.75 14.21 17.70
C HIS C 195 34.14 15.50 18.20
N ASN C 196 34.39 16.59 17.47
CA ASN C 196 33.96 17.91 17.93
C ASN C 196 32.76 18.53 17.21
N SER C 197 32.79 18.54 15.88
CA SER C 197 31.81 19.29 15.10
C SER C 197 30.85 18.38 14.37
N TYR C 198 29.56 18.64 14.56
CA TYR C 198 28.51 17.83 13.93
C TYR C 198 27.63 18.70 13.04
N THR C 199 27.44 18.24 11.81
CA THR C 199 26.78 19.02 10.77
C THR C 199 25.80 18.17 9.97
N CYS C 200 24.56 18.65 9.84
CA CYS C 200 23.66 18.12 8.81
C CYS C 200 23.49 19.15 7.70
N GLU C 201 23.68 18.69 6.47
CA GLU C 201 23.80 19.55 5.31
C GLU C 201 22.74 19.17 4.30
N ALA C 202 21.97 20.16 3.85
CA ALA C 202 20.85 19.91 2.95
C ALA C 202 21.01 20.64 1.62
N THR C 203 21.03 19.86 0.54
CA THR C 203 21.02 20.42 -0.80
C THR C 203 19.63 20.26 -1.40
N HIS C 204 19.10 21.35 -1.95
CA HIS C 204 17.73 21.40 -2.45
C HIS C 204 17.72 22.28 -3.68
N LYS C 205 16.79 22.04 -4.61
CA LYS C 205 16.74 22.77 -5.88
C LYS C 205 16.47 24.28 -5.71
N THR C 206 16.15 24.67 -4.48
CA THR C 206 15.82 26.06 -4.13
C THR C 206 17.04 26.95 -4.03
N SER C 207 18.20 26.36 -3.74
CA SER C 207 19.45 27.10 -3.67
C SER C 207 20.61 26.26 -4.21
N THR C 208 21.59 26.94 -4.80
CA THR C 208 22.84 26.29 -5.19
C THR C 208 23.75 26.17 -3.95
N SER C 209 23.40 26.92 -2.89
CA SER C 209 24.12 26.86 -1.63
C SER C 209 23.43 25.91 -0.66
N PRO C 210 24.18 24.91 -0.14
CA PRO C 210 23.65 24.01 0.87
C PRO C 210 23.30 24.74 2.16
N ILE C 211 22.25 24.29 2.83
CA ILE C 211 21.88 24.79 4.15
C ILE C 211 22.69 24.01 5.19
N VAL C 212 23.44 24.74 6.00
CA VAL C 212 24.35 24.12 6.97
C VAL C 212 23.92 24.44 8.39
N LYS C 213 23.70 23.39 9.18
CA LYS C 213 23.50 23.53 10.60
C LYS C 213 24.49 22.64 11.34
N SER C 214 25.28 23.27 12.20
CA SER C 214 26.31 22.57 12.96
C SER C 214 26.23 22.90 14.45
N PHE C 215 26.91 22.07 15.25
CA PHE C 215 27.24 22.44 16.61
C PHE C 215 28.62 21.89 16.97
N ASN C 216 29.31 22.61 17.85
CA ASN C 216 30.57 22.15 18.39
C ASN C 216 30.38 21.71 19.82
N ARG C 217 30.83 20.49 20.12
CA ARG C 217 30.77 19.94 21.48
C ARG C 217 31.46 20.81 22.53
N ASN C 218 32.41 21.64 22.09
CA ASN C 218 33.14 22.54 23.00
C ASN C 218 32.64 23.99 22.98
N GLU C 219 31.36 24.17 22.65
CA GLU C 219 30.75 25.49 22.53
C GLU C 219 29.49 25.60 23.39
#